data_7BQ3
#
_entry.id   7BQ3
#
_cell.length_a   46.329
_cell.length_b   61.494
_cell.length_c   53.218
_cell.angle_alpha   90.000
_cell.angle_beta   93.480
_cell.angle_gamma   90.000
#
_symmetry.space_group_name_H-M   'P 1 21 1'
#
loop_
_entity.id
_entity.type
_entity.pdbx_description
1 polymer 'Peroxisome proliferator-activated receptor alpha'
2 polymer '15-meric peptide from Nuclear receptor coactivator 1'
3 non-polymer '2-[(4-{2-[(4-cyclohexylbutyl)(cyclohexylcarbamoyl)amino]ethyl}phenyl)sulfanyl]-2-methylpropanoic acid'
4 water water
#
loop_
_entity_poly.entity_id
_entity_poly.type
_entity_poly.pdbx_seq_one_letter_code
_entity_poly.pdbx_strand_id
1 'polypeptide(L)'
;GSHMTADLKSLAKRIYEAYLKNFNMNKVKARVILSGKASNNPPFVIHDMETLCMAEKTLVAKLVANGIQNKEAEVRIFHC
CQCTSVETVTELTEFAKAIPGFANLDLNDQVTLLKYGVYEAIFAMLSSVMNKDGMLVAYGNGFITREFLKSLRKPFCDIM
EPKFDFAMKFNALELDDSDISLFVAAIICCGDRPGLLNVGHIEKMQEGIVHVLRLHLQSNHPDDIFLFPKLLQKMADLRQ
LVTEHAQLVQIIKKTESDAALHPLLQEIYRDMY
;
A
2 'polypeptide(L)' LTERHKILHRLLQEG B
#
# COMPACT_ATOMS: atom_id res chain seq x y z
N ASP A 7 14.25 8.00 23.04
CA ASP A 7 12.79 8.13 23.11
C ASP A 7 12.06 7.10 22.24
N LEU A 8 12.33 5.82 22.47
CA LEU A 8 11.77 4.77 21.62
C LEU A 8 10.25 4.81 21.64
N LYS A 9 9.66 4.99 22.84
CA LYS A 9 8.20 5.01 22.93
C LYS A 9 7.61 6.20 22.18
N SER A 10 8.39 7.27 21.99
CA SER A 10 7.96 8.41 21.20
C SER A 10 8.27 8.29 19.72
N LEU A 11 9.34 7.57 19.31
CA LEU A 11 9.48 7.27 17.87
C LEU A 11 8.28 6.47 17.39
N ALA A 12 7.84 5.50 18.18
CA ALA A 12 6.65 4.75 17.80
C ALA A 12 5.45 5.67 17.69
N LYS A 13 5.29 6.58 18.68
CA LYS A 13 4.08 7.42 18.72
C LYS A 13 4.11 8.44 17.60
N ARG A 14 5.27 9.03 17.35
CA ARG A 14 5.44 9.87 16.18
C ARG A 14 5.04 9.14 14.89
N ILE A 15 5.48 7.89 14.74
CA ILE A 15 5.16 7.23 13.49
C ILE A 15 3.68 6.95 13.43
N TYR A 16 3.09 6.49 14.55
CA TYR A 16 1.67 6.20 14.59
C TYR A 16 0.83 7.45 14.26
N GLU A 17 1.19 8.58 14.88
CA GLU A 17 0.52 9.85 14.64
C GLU A 17 0.59 10.22 13.19
N ALA A 18 1.78 10.05 12.60
CA ALA A 18 1.90 10.39 11.18
C ALA A 18 1.02 9.48 10.33
N TYR A 19 0.83 8.24 10.76
N TYR A 19 0.83 8.23 10.76
CA TYR A 19 -0.04 7.30 10.05
CA TYR A 19 -0.05 7.28 10.07
C TYR A 19 -1.50 7.76 10.13
C TYR A 19 -1.51 7.73 10.14
N LEU A 20 -1.97 8.08 11.34
CA LEU A 20 -3.35 8.54 11.51
C LEU A 20 -3.58 9.87 10.81
N LYS A 21 -2.55 10.72 10.72
CA LYS A 21 -2.72 12.02 10.07
C LYS A 21 -2.81 11.89 8.56
N ASN A 22 -2.10 10.93 7.97
CA ASN A 22 -1.90 10.95 6.55
C ASN A 22 -2.73 9.94 5.77
N PHE A 23 -3.33 8.93 6.40
CA PHE A 23 -4.11 7.97 5.61
C PHE A 23 -5.59 8.11 5.89
N ASN A 24 -6.38 8.28 4.82
N ASN A 24 -6.39 8.28 4.84
CA ASN A 24 -7.82 8.43 4.99
CA ASN A 24 -7.83 8.45 5.06
C ASN A 24 -8.44 7.15 5.55
C ASN A 24 -8.49 7.15 5.51
N MET A 25 -7.95 6.00 5.10
CA MET A 25 -8.50 4.71 5.47
C MET A 25 -7.49 4.02 6.39
N ASN A 26 -7.98 3.43 7.46
CA ASN A 26 -7.10 2.61 8.26
C ASN A 26 -7.90 1.42 8.79
N LYS A 27 -7.28 0.64 9.68
CA LYS A 27 -7.85 -0.65 10.03
C LYS A 27 -9.03 -0.48 10.97
N VAL A 28 -8.95 0.42 11.95
CA VAL A 28 -10.09 0.55 12.86
C VAL A 28 -11.33 1.06 12.10
N LYS A 29 -11.12 1.99 11.17
CA LYS A 29 -12.26 2.48 10.38
C LYS A 29 -12.84 1.36 9.50
N ALA A 30 -11.98 0.56 8.86
CA ALA A 30 -12.44 -0.47 7.93
C ALA A 30 -13.20 -1.56 8.66
N ARG A 31 -12.71 -1.99 9.82
CA ARG A 31 -13.36 -3.05 10.57
C ARG A 31 -14.73 -2.58 11.10
N VAL A 32 -14.85 -1.32 11.52
CA VAL A 32 -16.16 -0.81 11.93
C VAL A 32 -17.17 -0.98 10.78
N ILE A 33 -16.79 -0.57 9.58
CA ILE A 33 -17.69 -0.67 8.42
C ILE A 33 -17.96 -2.13 8.05
N LEU A 34 -16.90 -2.94 7.98
CA LEU A 34 -17.02 -4.33 7.58
C LEU A 34 -17.76 -5.18 8.61
N SER A 35 -18.12 -4.62 9.76
CA SER A 35 -18.90 -5.36 10.76
C SER A 35 -20.39 -5.00 10.81
N GLY A 36 -20.77 -3.74 10.55
CA GLY A 36 -22.12 -3.26 10.82
C GLY A 36 -22.19 -1.76 11.00
N PRO A 42 -24.21 1.37 5.25
CA PRO A 42 -23.78 0.08 4.66
C PRO A 42 -23.17 0.24 3.28
N PRO A 43 -21.93 -0.19 3.05
CA PRO A 43 -21.31 0.04 1.74
C PRO A 43 -22.19 -0.54 0.64
N PHE A 44 -22.18 0.12 -0.51
CA PHE A 44 -22.84 -0.42 -1.70
C PHE A 44 -22.06 -1.61 -2.25
N VAL A 45 -22.70 -2.78 -2.35
CA VAL A 45 -22.00 -3.97 -2.83
C VAL A 45 -21.94 -3.96 -4.34
N ILE A 46 -20.73 -4.06 -4.87
CA ILE A 46 -20.50 -4.24 -6.30
C ILE A 46 -20.18 -5.72 -6.48
N HIS A 47 -21.12 -6.47 -7.04
CA HIS A 47 -20.95 -7.90 -7.29
C HIS A 47 -21.24 -8.36 -8.71
N ASP A 48 -21.76 -7.51 -9.56
CA ASP A 48 -22.02 -7.91 -10.94
C ASP A 48 -21.86 -6.67 -11.81
N MET A 49 -22.17 -6.79 -13.11
CA MET A 49 -22.05 -5.64 -14.01
C MET A 49 -23.07 -4.58 -13.67
N GLU A 50 -24.28 -5.00 -13.31
CA GLU A 50 -25.30 -4.01 -12.99
C GLU A 50 -24.88 -3.14 -11.81
N THR A 51 -24.38 -3.76 -10.75
CA THR A 51 -24.04 -2.95 -9.57
C THR A 51 -22.82 -2.09 -9.84
N LEU A 52 -21.87 -2.57 -10.65
CA LEU A 52 -20.73 -1.73 -11.01
C LEU A 52 -21.20 -0.44 -11.68
N CYS A 53 -22.07 -0.58 -12.68
CA CYS A 53 -22.61 0.60 -13.35
C CYS A 53 -23.32 1.53 -12.38
N MET A 54 -24.14 0.98 -11.48
CA MET A 54 -24.83 1.85 -10.50
C MET A 54 -23.81 2.56 -9.60
N ALA A 55 -22.77 1.82 -9.19
CA ALA A 55 -21.74 2.40 -8.33
C ALA A 55 -20.98 3.50 -9.05
N GLU A 56 -20.67 3.31 -10.34
CA GLU A 56 -20.05 4.40 -11.09
C GLU A 56 -20.97 5.63 -11.20
N LYS A 57 -22.29 5.43 -11.31
CA LYS A 57 -23.22 6.55 -11.31
C LYS A 57 -23.16 7.33 -10.02
N THR A 58 -23.10 6.64 -8.88
CA THR A 58 -23.25 7.32 -7.59
C THR A 58 -21.93 7.69 -6.92
N LEU A 59 -20.82 6.99 -7.19
CA LEU A 59 -19.57 7.24 -6.46
C LEU A 59 -18.47 7.90 -7.28
N VAL A 60 -18.55 7.89 -8.60
CA VAL A 60 -17.51 8.41 -9.45
C VAL A 60 -18.13 9.45 -10.40
N ALA A 61 -17.50 10.61 -10.52
CA ALA A 61 -18.09 11.76 -11.22
C ALA A 61 -18.27 11.53 -12.73
N LYS A 62 -17.22 11.72 -13.52
CA LYS A 62 -17.32 11.54 -14.99
C LYS A 62 -17.55 10.08 -15.36
N ASN A 70 -17.31 4.68 -20.05
CA ASN A 70 -17.61 4.64 -21.49
C ASN A 70 -16.94 3.47 -22.31
N LYS A 71 -15.89 2.83 -21.74
CA LYS A 71 -15.16 1.70 -22.31
C LYS A 71 -15.60 0.38 -21.67
N GLU A 72 -14.83 -0.68 -21.89
CA GLU A 72 -15.07 -1.93 -21.20
C GLU A 72 -15.08 -1.71 -19.71
N ALA A 73 -15.90 -2.50 -19.00
CA ALA A 73 -15.96 -2.48 -17.56
C ALA A 73 -14.56 -2.55 -16.94
N GLU A 74 -13.71 -3.42 -17.50
CA GLU A 74 -12.39 -3.69 -16.92
C GLU A 74 -11.49 -2.48 -17.02
N VAL A 75 -11.61 -1.73 -18.11
CA VAL A 75 -10.82 -0.53 -18.35
C VAL A 75 -11.27 0.62 -17.43
N ARG A 76 -12.58 0.71 -17.16
CA ARG A 76 -13.08 1.72 -16.23
C ARG A 76 -12.63 1.40 -14.80
N ILE A 77 -12.72 0.13 -14.40
CA ILE A 77 -12.20 -0.27 -13.10
C ILE A 77 -10.72 0.06 -12.99
N PHE A 78 -9.94 -0.20 -14.04
CA PHE A 78 -8.49 0.04 -14.00
C PHE A 78 -8.20 1.51 -13.83
N HIS A 79 -8.98 2.37 -14.51
CA HIS A 79 -8.75 3.81 -14.38
C HIS A 79 -9.08 4.30 -12.97
N CYS A 80 -10.21 3.86 -12.41
CA CYS A 80 -10.50 4.22 -11.03
C CYS A 80 -9.41 3.75 -10.08
N CYS A 81 -8.95 2.51 -10.26
CA CYS A 81 -7.86 2.01 -9.41
C CYS A 81 -6.60 2.87 -9.50
N GLN A 82 -6.21 3.26 -10.72
CA GLN A 82 -5.09 4.17 -10.88
C GLN A 82 -5.30 5.45 -10.10
N CYS A 83 -6.45 6.07 -10.26
CA CYS A 83 -6.65 7.32 -9.52
C CYS A 83 -6.45 7.07 -8.05
N THR A 84 -6.96 5.95 -7.55
CA THR A 84 -6.78 5.66 -6.13
C THR A 84 -5.29 5.50 -5.79
N SER A 85 -4.56 4.72 -6.58
CA SER A 85 -3.13 4.55 -6.32
C SER A 85 -2.38 5.87 -6.36
N VAL A 86 -2.77 6.79 -7.26
CA VAL A 86 -2.11 8.10 -7.29
C VAL A 86 -2.27 8.79 -5.95
N GLU A 87 -3.47 8.71 -5.38
CA GLU A 87 -3.72 9.31 -4.05
C GLU A 87 -2.95 8.58 -2.96
N THR A 88 -2.92 7.23 -3.00
CA THR A 88 -2.20 6.53 -1.93
C THR A 88 -0.71 6.84 -1.98
N VAL A 89 -0.13 6.90 -3.19
CA VAL A 89 1.28 7.25 -3.34
C VAL A 89 1.54 8.62 -2.71
N THR A 90 0.60 9.52 -2.91
CA THR A 90 0.71 10.86 -2.34
C THR A 90 0.64 10.82 -0.82
N GLU A 91 -0.33 10.09 -0.26
CA GLU A 91 -0.35 9.98 1.20
C GLU A 91 0.93 9.33 1.74
N LEU A 92 1.44 8.29 1.04
CA LEU A 92 2.64 7.59 1.55
C LEU A 92 3.88 8.50 1.53
N THR A 93 3.96 9.39 0.54
CA THR A 93 5.04 10.39 0.48
C THR A 93 4.99 11.31 1.69
N GLU A 94 3.79 11.78 2.03
CA GLU A 94 3.63 12.63 3.22
C GLU A 94 3.95 11.85 4.48
N PHE A 95 3.47 10.61 4.56
CA PHE A 95 3.85 9.77 5.69
C PHE A 95 5.36 9.61 5.77
N ALA A 96 6.01 9.33 4.63
CA ALA A 96 7.46 9.13 4.65
C ALA A 96 8.18 10.37 5.18
N LYS A 97 7.76 11.55 4.75
CA LYS A 97 8.42 12.77 5.22
C LYS A 97 8.29 12.97 6.72
N ALA A 98 7.30 12.36 7.34
CA ALA A 98 7.14 12.44 8.78
C ALA A 98 7.87 11.36 9.54
N ILE A 99 8.56 10.44 8.85
CA ILE A 99 9.39 9.45 9.57
C ILE A 99 10.69 10.11 9.99
N PRO A 100 11.06 10.04 11.27
CA PRO A 100 12.30 10.66 11.73
C PRO A 100 13.49 10.25 10.88
N GLY A 101 14.24 11.24 10.40
CA GLY A 101 15.41 10.98 9.57
C GLY A 101 15.18 10.97 8.07
N PHE A 102 13.96 10.68 7.63
CA PHE A 102 13.75 10.51 6.20
C PHE A 102 14.04 11.79 5.43
N ALA A 103 13.48 12.91 5.90
CA ALA A 103 13.68 14.21 5.25
C ALA A 103 15.14 14.66 5.29
N ASN A 104 15.98 13.98 6.06
CA ASN A 104 17.42 14.28 6.08
C ASN A 104 18.19 13.54 5.02
N LEU A 105 17.61 12.49 4.44
CA LEU A 105 18.37 11.77 3.44
C LEU A 105 18.53 12.61 2.18
N ASP A 106 19.38 12.11 1.31
CA ASP A 106 19.53 12.66 -0.03
C ASP A 106 18.20 12.59 -0.80
N LEU A 107 17.85 13.65 -1.52
CA LEU A 107 16.61 13.61 -2.28
C LEU A 107 16.55 12.42 -3.23
N ASN A 108 17.69 11.99 -3.80
CA ASN A 108 17.65 10.83 -4.71
C ASN A 108 17.27 9.57 -3.97
N ASP A 109 17.79 9.43 -2.75
CA ASP A 109 17.51 8.28 -1.91
C ASP A 109 16.07 8.32 -1.39
N GLN A 110 15.56 9.52 -1.06
CA GLN A 110 14.14 9.65 -0.76
C GLN A 110 13.31 9.10 -1.90
N VAL A 111 13.62 9.53 -3.11
CA VAL A 111 12.88 9.08 -4.28
C VAL A 111 13.03 7.57 -4.47
N THR A 112 14.24 7.06 -4.31
CA THR A 112 14.46 5.61 -4.52
C THR A 112 13.73 4.79 -3.49
N LEU A 113 13.68 5.27 -2.24
CA LEU A 113 12.99 4.52 -1.19
C LEU A 113 11.48 4.50 -1.44
N LEU A 114 10.87 5.60 -1.91
CA LEU A 114 9.44 5.58 -2.18
C LEU A 114 9.14 4.76 -3.42
N LYS A 115 9.94 4.94 -4.46
CA LYS A 115 9.79 4.19 -5.70
C LYS A 115 9.61 2.70 -5.44
N TYR A 116 10.51 2.11 -4.66
CA TYR A 116 10.40 0.67 -4.45
C TYR A 116 9.49 0.33 -3.29
N GLY A 117 9.29 1.28 -2.37
CA GLY A 117 8.52 1.02 -1.18
C GLY A 117 7.01 1.19 -1.31
N VAL A 118 6.51 2.09 -2.14
CA VAL A 118 5.08 2.43 -2.02
C VAL A 118 4.20 1.20 -2.21
N TYR A 119 4.47 0.36 -3.22
CA TYR A 119 3.49 -0.70 -3.46
C TYR A 119 3.59 -1.81 -2.43
N GLU A 120 4.76 -2.01 -1.83
CA GLU A 120 4.82 -2.91 -0.68
C GLU A 120 3.92 -2.36 0.41
N ALA A 121 3.99 -1.05 0.66
CA ALA A 121 3.13 -0.42 1.66
C ALA A 121 1.66 -0.48 1.23
N ILE A 122 1.39 -0.21 -0.04
CA ILE A 122 0.00 -0.21 -0.50
C ILE A 122 -0.63 -1.60 -0.32
N PHE A 123 0.09 -2.67 -0.65
CA PHE A 123 -0.54 -3.99 -0.52
C PHE A 123 -0.62 -4.42 0.95
N ALA A 124 0.27 -3.93 1.83
CA ALA A 124 0.08 -4.20 3.26
C ALA A 124 -1.19 -3.54 3.77
N MET A 125 -1.36 -2.25 3.47
CA MET A 125 -2.52 -1.51 3.93
C MET A 125 -3.81 -1.98 3.26
N LEU A 126 -3.74 -2.43 2.00
CA LEU A 126 -4.92 -3.01 1.32
C LEU A 126 -5.53 -4.18 2.11
N SER A 127 -4.68 -4.92 2.82
CA SER A 127 -5.16 -6.02 3.65
C SER A 127 -6.18 -5.55 4.65
N SER A 128 -6.01 -4.33 5.15
CA SER A 128 -6.87 -3.81 6.19
C SER A 128 -8.31 -3.71 5.71
N VAL A 129 -8.51 -3.49 4.41
CA VAL A 129 -9.88 -3.31 3.89
C VAL A 129 -10.39 -4.54 3.18
N MET A 130 -9.67 -5.65 3.30
CA MET A 130 -10.02 -6.89 2.64
C MET A 130 -10.54 -7.93 3.66
N ASN A 131 -11.55 -8.69 3.27
CA ASN A 131 -11.87 -9.94 3.96
C ASN A 131 -11.97 -11.02 2.88
N LYS A 132 -12.25 -12.26 3.24
CA LYS A 132 -12.18 -13.29 2.17
C LYS A 132 -13.23 -13.10 1.09
N ASP A 133 -14.28 -12.28 1.33
CA ASP A 133 -15.34 -12.09 0.34
C ASP A 133 -15.15 -10.86 -0.57
N GLY A 134 -14.38 -9.87 -0.17
CA GLY A 134 -14.31 -8.71 -1.02
C GLY A 134 -13.45 -7.64 -0.37
N MET A 135 -13.45 -6.46 -0.97
CA MET A 135 -12.67 -5.34 -0.43
C MET A 135 -13.52 -4.07 -0.35
N LEU A 136 -13.33 -3.35 0.75
CA LEU A 136 -13.97 -2.06 0.94
C LEU A 136 -13.26 -1.03 0.08
N VAL A 137 -14.00 -0.28 -0.73
CA VAL A 137 -13.40 0.68 -1.66
C VAL A 137 -14.09 2.03 -1.52
N ALA A 138 -13.53 3.03 -2.22
CA ALA A 138 -14.11 4.36 -2.35
C ALA A 138 -14.43 4.97 -0.97
N TYR A 139 -13.38 5.10 -0.15
CA TYR A 139 -13.49 5.81 1.11
C TYR A 139 -14.56 5.19 2.02
N GLY A 140 -14.69 3.87 1.97
CA GLY A 140 -15.63 3.16 2.83
C GLY A 140 -17.03 3.01 2.26
N ASN A 141 -17.30 3.51 1.06
CA ASN A 141 -18.68 3.60 0.57
C ASN A 141 -19.07 2.50 -0.41
N GLY A 142 -18.13 1.65 -0.83
CA GLY A 142 -18.43 0.51 -1.68
C GLY A 142 -17.76 -0.74 -1.15
N PHE A 143 -18.20 -1.87 -1.69
CA PHE A 143 -17.57 -3.14 -1.32
C PHE A 143 -17.61 -4.02 -2.55
N ILE A 144 -16.45 -4.31 -3.10
CA ILE A 144 -16.33 -5.10 -4.33
C ILE A 144 -16.07 -6.54 -3.96
N THR A 145 -16.85 -7.46 -4.53
CA THR A 145 -16.65 -8.85 -4.11
C THR A 145 -15.43 -9.47 -4.80
N ARG A 146 -14.77 -10.35 -4.08
CA ARG A 146 -13.61 -10.99 -4.68
C ARG A 146 -14.01 -11.74 -5.98
N GLU A 147 -15.21 -12.36 -5.96
CA GLU A 147 -15.66 -13.15 -7.12
C GLU A 147 -15.90 -12.25 -8.33
N PHE A 148 -16.48 -11.07 -8.12
CA PHE A 148 -16.66 -10.17 -9.25
C PHE A 148 -15.34 -9.87 -9.92
N LEU A 149 -14.29 -9.61 -9.13
CA LEU A 149 -12.99 -9.31 -9.72
C LEU A 149 -12.42 -10.51 -10.45
N LYS A 150 -12.58 -11.69 -9.88
CA LYS A 150 -12.24 -12.91 -10.63
C LYS A 150 -13.05 -13.05 -11.93
N SER A 151 -14.32 -12.61 -11.94
CA SER A 151 -15.15 -12.69 -13.13
C SER A 151 -14.64 -11.84 -14.29
N LEU A 152 -13.74 -10.87 -14.06
CA LEU A 152 -13.38 -9.97 -15.15
C LEU A 152 -12.52 -10.70 -16.16
N ARG A 153 -12.38 -10.10 -17.33
CA ARG A 153 -11.57 -10.83 -18.31
C ARG A 153 -10.08 -10.66 -18.02
N LYS A 154 -9.28 -11.62 -18.53
CA LYS A 154 -7.83 -11.49 -18.47
C LYS A 154 -7.39 -10.23 -19.22
N PRO A 155 -6.36 -9.52 -18.76
CA PRO A 155 -5.48 -9.74 -17.61
C PRO A 155 -5.98 -9.10 -16.29
N PHE A 156 -7.15 -8.48 -16.32
CA PHE A 156 -7.60 -7.72 -15.16
C PHE A 156 -8.07 -8.59 -14.02
N CYS A 157 -8.58 -9.81 -14.29
CA CYS A 157 -8.95 -10.70 -13.17
C CYS A 157 -7.73 -11.23 -12.40
N ASP A 158 -6.52 -11.00 -12.89
CA ASP A 158 -5.27 -11.42 -12.23
C ASP A 158 -4.64 -10.38 -11.30
N ILE A 159 -5.09 -9.13 -11.36
CA ILE A 159 -4.48 -8.07 -10.57
C ILE A 159 -4.73 -8.33 -9.08
N MET A 160 -6.00 -8.47 -8.70
CA MET A 160 -6.37 -8.38 -7.29
C MET A 160 -6.20 -9.69 -6.54
N GLU A 161 -6.50 -10.81 -7.16
CA GLU A 161 -6.44 -12.10 -6.46
C GLU A 161 -5.19 -12.34 -5.65
N PRO A 162 -3.98 -12.22 -6.18
CA PRO A 162 -2.83 -12.49 -5.33
C PRO A 162 -2.77 -11.53 -4.14
N LYS A 163 -3.40 -10.36 -4.26
CA LYS A 163 -3.45 -9.43 -3.14
C LYS A 163 -4.38 -9.95 -2.07
N PHE A 164 -5.53 -10.58 -2.46
CA PHE A 164 -6.44 -11.14 -1.46
C PHE A 164 -5.74 -12.29 -0.72
N ASP A 165 -5.03 -13.12 -1.48
CA ASP A 165 -4.31 -14.24 -0.89
C ASP A 165 -3.31 -13.74 0.16
N PHE A 166 -2.46 -12.78 -0.23
CA PHE A 166 -1.54 -12.19 0.75
C PHE A 166 -2.31 -11.68 1.97
N ALA A 167 -3.40 -10.91 1.73
CA ALA A 167 -4.13 -10.24 2.83
C ALA A 167 -4.71 -11.26 3.80
N MET A 168 -5.18 -12.39 3.30
CA MET A 168 -5.77 -13.35 4.22
C MET A 168 -4.71 -13.90 5.16
N LYS A 169 -3.48 -14.11 4.66
CA LYS A 169 -2.39 -14.52 5.55
C LYS A 169 -1.98 -13.39 6.48
N PHE A 170 -1.88 -12.17 5.95
CA PHE A 170 -1.48 -11.01 6.75
C PHE A 170 -2.48 -10.73 7.88
N ASN A 171 -3.79 -10.77 7.55
CA ASN A 171 -4.81 -10.42 8.53
C ASN A 171 -4.91 -11.43 9.64
N ALA A 172 -4.45 -12.65 9.40
CA ALA A 172 -4.45 -13.67 10.43
C ALA A 172 -3.47 -13.34 11.55
N LEU A 173 -2.54 -12.43 11.32
CA LEU A 173 -1.65 -11.95 12.38
C LEU A 173 -2.34 -10.99 13.31
N GLU A 174 -3.50 -10.46 12.93
CA GLU A 174 -4.29 -9.63 13.84
C GLU A 174 -3.55 -8.39 14.32
N LEU A 175 -2.85 -7.73 13.39
CA LEU A 175 -2.21 -6.46 13.67
C LEU A 175 -3.25 -5.35 13.81
N ASP A 176 -2.89 -4.32 14.56
CA ASP A 176 -3.70 -3.10 14.60
C ASP A 176 -2.93 -1.95 13.96
N ASP A 177 -3.55 -0.78 13.92
CA ASP A 177 -2.93 0.33 13.23
C ASP A 177 -1.62 0.75 13.86
N SER A 178 -1.47 0.61 15.18
CA SER A 178 -0.18 0.99 15.79
C SER A 178 0.95 0.07 15.27
N ASP A 179 0.66 -1.23 15.07
CA ASP A 179 1.64 -2.17 14.48
C ASP A 179 1.88 -1.83 13.01
N ILE A 180 0.78 -1.58 12.26
CA ILE A 180 0.89 -1.38 10.82
C ILE A 180 1.68 -0.13 10.51
N SER A 181 1.50 0.93 11.31
CA SER A 181 2.22 2.17 11.03
C SER A 181 3.73 1.93 11.08
N LEU A 182 4.18 1.20 12.09
CA LEU A 182 5.61 0.88 12.21
C LEU A 182 6.05 -0.06 11.09
N PHE A 183 5.21 -1.03 10.77
CA PHE A 183 5.56 -1.96 9.70
C PHE A 183 5.78 -1.20 8.41
N VAL A 184 4.87 -0.27 8.10
CA VAL A 184 4.97 0.51 6.86
C VAL A 184 6.19 1.41 6.88
N ALA A 185 6.47 2.04 8.03
CA ALA A 185 7.74 2.76 8.17
C ALA A 185 8.93 1.85 7.87
N ALA A 186 8.95 0.62 8.42
CA ALA A 186 10.08 -0.26 8.19
C ALA A 186 10.20 -0.65 6.70
N ILE A 187 9.06 -0.82 6.02
CA ILE A 187 9.06 -1.16 4.59
C ILE A 187 9.71 -0.06 3.78
N ILE A 188 9.32 1.18 4.06
CA ILE A 188 9.84 2.33 3.34
C ILE A 188 11.32 2.55 3.62
N CYS A 189 11.77 2.33 4.87
CA CYS A 189 13.18 2.60 5.21
C CYS A 189 14.06 1.39 4.97
N CYS A 190 14.09 0.90 3.72
CA CYS A 190 14.77 -0.35 3.40
C CYS A 190 16.14 -0.06 2.80
N GLY A 191 17.20 -0.49 3.47
CA GLY A 191 18.54 -0.19 3.03
C GLY A 191 19.11 -0.97 1.86
N ASP A 192 18.37 -1.88 1.22
CA ASP A 192 18.92 -2.61 0.10
C ASP A 192 18.15 -2.36 -1.20
N ARG A 193 17.52 -1.20 -1.36
CA ARG A 193 16.91 -0.92 -2.65
C ARG A 193 17.97 -0.62 -3.71
N PRO A 194 17.70 -1.01 -4.95
CA PRO A 194 18.60 -0.67 -6.06
C PRO A 194 18.89 0.81 -6.15
N GLY A 195 20.17 1.14 -6.08
CA GLY A 195 20.66 2.45 -6.47
C GLY A 195 20.71 3.46 -5.36
N LEU A 196 20.62 3.03 -4.11
CA LEU A 196 20.74 3.95 -2.99
C LEU A 196 22.16 4.47 -2.97
N LEU A 197 22.31 5.78 -2.72
CA LEU A 197 23.63 6.39 -2.63
C LEU A 197 24.23 6.22 -1.23
N ASN A 198 23.50 6.58 -0.18
N ASN A 198 23.52 6.64 -0.19
CA ASN A 198 24.02 6.57 1.18
CA ASN A 198 24.03 6.52 1.16
C ASN A 198 23.42 5.39 1.95
C ASN A 198 23.32 5.35 1.84
N VAL A 199 23.88 4.16 1.63
CA VAL A 199 23.25 2.98 2.22
C VAL A 199 23.34 3.00 3.73
N GLY A 200 24.48 3.35 4.30
CA GLY A 200 24.64 3.29 5.75
C GLY A 200 23.68 4.19 6.50
N HIS A 201 23.38 5.36 5.95
CA HIS A 201 22.43 6.26 6.60
C HIS A 201 21.02 5.66 6.59
N ILE A 202 20.67 4.93 5.54
CA ILE A 202 19.33 4.34 5.52
C ILE A 202 19.28 3.15 6.47
N GLU A 203 20.36 2.35 6.53
CA GLU A 203 20.37 1.16 7.36
C GLU A 203 20.29 1.51 8.84
N LYS A 204 20.91 2.63 9.21
CA LYS A 204 20.84 3.07 10.58
C LYS A 204 19.42 3.52 10.95
N MET A 205 18.72 4.23 10.03
CA MET A 205 17.31 4.58 10.25
C MET A 205 16.47 3.34 10.41
N GLN A 206 16.60 2.41 9.47
CA GLN A 206 15.80 1.19 9.52
C GLN A 206 16.07 0.41 10.80
N GLU A 207 17.34 0.30 11.20
CA GLU A 207 17.66 -0.35 12.46
C GLU A 207 16.84 0.18 13.61
N GLY A 208 16.75 1.50 13.75
CA GLY A 208 15.95 2.05 14.84
C GLY A 208 14.45 1.76 14.71
N ILE A 209 13.90 1.85 13.49
CA ILE A 209 12.48 1.57 13.32
C ILE A 209 12.20 0.11 13.64
N VAL A 210 12.99 -0.79 13.09
CA VAL A 210 12.79 -2.20 13.39
C VAL A 210 12.98 -2.51 14.87
N HIS A 211 13.92 -1.84 15.53
CA HIS A 211 14.09 -2.03 16.97
C HIS A 211 12.81 -1.64 17.72
N VAL A 212 12.27 -0.46 17.41
CA VAL A 212 11.02 -0.02 17.98
C VAL A 212 9.86 -0.97 17.63
N LEU A 213 9.85 -1.49 16.41
CA LEU A 213 8.78 -2.43 16.02
C LEU A 213 8.83 -3.72 16.87
N ARG A 214 10.03 -4.26 17.06
N ARG A 214 10.03 -4.27 17.06
CA ARG A 214 10.18 -5.47 17.87
CA ARG A 214 10.17 -5.47 17.88
C ARG A 214 9.70 -5.24 19.31
C ARG A 214 9.69 -5.25 19.30
N LEU A 215 10.11 -4.13 19.92
CA LEU A 215 9.64 -3.83 21.27
C LEU A 215 8.13 -3.61 21.27
N HIS A 216 7.62 -2.87 20.27
CA HIS A 216 6.18 -2.62 20.25
C HIS A 216 5.39 -3.92 20.11
N LEU A 217 5.80 -4.84 19.23
CA LEU A 217 5.05 -6.08 19.11
C LEU A 217 5.13 -6.91 20.39
N GLN A 218 6.30 -6.92 21.02
CA GLN A 218 6.44 -7.67 22.26
C GLN A 218 5.44 -7.19 23.31
N SER A 219 5.22 -5.90 23.38
CA SER A 219 4.27 -5.32 24.33
C SER A 219 2.82 -5.46 23.86
N ASN A 220 2.55 -5.17 22.59
CA ASN A 220 1.17 -5.11 22.10
C ASN A 220 0.58 -6.50 21.82
N HIS A 221 1.43 -7.51 21.66
CA HIS A 221 0.98 -8.86 21.30
C HIS A 221 1.78 -9.87 22.11
N PRO A 222 1.67 -9.84 23.44
CA PRO A 222 2.54 -10.66 24.30
C PRO A 222 2.26 -12.12 24.21
N ASP A 223 1.23 -12.55 23.47
CA ASP A 223 0.94 -13.96 23.30
C ASP A 223 1.41 -14.57 21.99
N ASP A 224 2.01 -13.82 21.06
CA ASP A 224 2.56 -14.40 19.82
C ASP A 224 4.08 -14.24 19.90
N ILE A 225 4.82 -15.27 20.35
CA ILE A 225 6.24 -15.03 20.60
C ILE A 225 7.04 -14.95 19.32
N PHE A 226 6.48 -15.35 18.17
CA PHE A 226 7.19 -15.23 16.91
C PHE A 226 6.68 -14.11 16.02
N LEU A 227 5.89 -13.18 16.55
CA LEU A 227 5.25 -12.24 15.65
C LEU A 227 6.28 -11.36 14.94
N PHE A 228 7.39 -11.00 15.58
CA PHE A 228 8.36 -10.16 14.90
C PHE A 228 8.99 -10.87 13.69
N PRO A 229 9.57 -12.06 13.82
CA PRO A 229 10.08 -12.72 12.60
C PRO A 229 8.96 -13.07 11.58
N LYS A 230 7.74 -13.36 12.02
CA LYS A 230 6.61 -13.51 11.09
C LYS A 230 6.46 -12.27 10.23
N LEU A 231 6.66 -11.09 10.84
CA LEU A 231 6.46 -9.85 10.08
C LEU A 231 7.62 -9.58 9.16
N LEU A 232 8.85 -9.89 9.60
CA LEU A 232 9.97 -9.74 8.69
C LEU A 232 9.75 -10.60 7.47
N GLN A 233 9.27 -11.81 7.68
CA GLN A 233 9.00 -12.65 6.52
C GLN A 233 7.92 -12.03 5.64
N LYS A 234 6.91 -11.38 6.23
CA LYS A 234 5.88 -10.75 5.37
C LYS A 234 6.48 -9.65 4.53
N MET A 235 7.54 -8.98 5.01
CA MET A 235 8.15 -7.93 4.18
C MET A 235 8.82 -8.52 2.94
N ALA A 236 9.44 -9.68 3.07
CA ALA A 236 10.01 -10.34 1.90
C ALA A 236 8.90 -10.87 0.97
N ASP A 237 7.82 -11.41 1.55
CA ASP A 237 6.63 -11.79 0.76
C ASP A 237 6.07 -10.62 -0.04
N LEU A 238 5.98 -9.44 0.58
CA LEU A 238 5.49 -8.26 -0.15
C LEU A 238 6.45 -7.86 -1.25
N ARG A 239 7.77 -7.98 -1.03
CA ARG A 239 8.71 -7.69 -2.12
C ARG A 239 8.45 -8.60 -3.33
N GLN A 240 8.32 -9.91 -3.10
CA GLN A 240 7.99 -10.80 -4.22
C GLN A 240 6.64 -10.42 -4.83
N LEU A 241 5.66 -10.08 -3.98
CA LEU A 241 4.33 -9.72 -4.48
C LEU A 241 4.38 -8.50 -5.41
N VAL A 242 5.13 -7.47 -5.02
CA VAL A 242 5.31 -6.31 -5.89
C VAL A 242 6.12 -6.66 -7.15
N THR A 243 7.12 -7.54 -7.05
CA THR A 243 7.89 -7.94 -8.22
C THR A 243 6.98 -8.55 -9.30
N GLU A 244 6.14 -9.50 -8.88
CA GLU A 244 5.14 -10.08 -9.77
C GLU A 244 4.09 -9.07 -10.21
N HIS A 245 3.64 -8.19 -9.30
CA HIS A 245 2.67 -7.17 -9.70
C HIS A 245 3.25 -6.30 -10.82
N ALA A 246 4.49 -5.87 -10.68
CA ALA A 246 5.07 -5.00 -11.70
C ALA A 246 5.19 -5.72 -13.06
N GLN A 247 5.27 -7.07 -13.04
CA GLN A 247 5.31 -7.83 -14.28
C GLN A 247 3.94 -7.86 -14.94
N LEU A 248 2.87 -8.05 -14.16
CA LEU A 248 1.52 -7.95 -14.70
C LEU A 248 1.23 -6.57 -15.23
N VAL A 249 1.71 -5.51 -14.58
CA VAL A 249 1.47 -4.16 -15.09
C VAL A 249 2.21 -3.93 -16.41
N GLN A 250 3.44 -4.46 -16.56
CA GLN A 250 4.18 -4.27 -17.80
C GLN A 250 3.45 -4.94 -18.96
N ILE A 251 3.03 -6.18 -18.76
CA ILE A 251 2.12 -6.85 -19.68
C ILE A 251 0.93 -5.95 -20.06
N ILE A 252 0.22 -5.42 -19.05
CA ILE A 252 -0.98 -4.62 -19.34
C ILE A 252 -0.60 -3.43 -20.22
N LYS A 253 0.55 -2.83 -19.94
CA LYS A 253 0.98 -1.58 -20.59
C LYS A 253 1.38 -1.78 -22.04
N LYS A 254 1.75 -3.01 -22.42
CA LYS A 254 2.03 -3.39 -23.80
C LYS A 254 0.76 -3.78 -24.55
N THR A 255 -0.03 -4.66 -23.95
CA THR A 255 -1.10 -5.37 -24.65
C THR A 255 -2.47 -4.71 -24.53
N GLU A 256 -2.62 -3.58 -23.86
CA GLU A 256 -3.94 -2.98 -23.68
C GLU A 256 -3.90 -1.53 -24.17
N SER A 257 -4.63 -1.24 -25.24
CA SER A 257 -4.56 0.09 -25.83
C SER A 257 -5.16 1.17 -24.96
N ASP A 258 -6.05 0.81 -24.04
CA ASP A 258 -6.79 1.84 -23.31
C ASP A 258 -6.37 1.94 -21.85
N ALA A 259 -5.19 1.45 -21.52
CA ALA A 259 -4.80 1.29 -20.12
C ALA A 259 -3.54 2.05 -19.80
N ALA A 260 -3.42 3.28 -20.30
CA ALA A 260 -2.24 4.09 -20.03
C ALA A 260 -2.13 4.45 -18.53
N LEU A 261 -0.89 4.52 -18.03
CA LEU A 261 -0.66 4.86 -16.62
C LEU A 261 -0.68 6.38 -16.39
N HIS A 262 -1.28 6.79 -15.28
CA HIS A 262 -1.15 8.17 -14.83
C HIS A 262 0.33 8.51 -14.67
N PRO A 263 0.73 9.74 -14.98
CA PRO A 263 2.16 10.07 -14.94
C PRO A 263 2.88 9.66 -13.67
N LEU A 264 2.36 9.98 -12.50
CA LEU A 264 3.07 9.64 -11.29
C LEU A 264 3.30 8.13 -11.21
N LEU A 265 2.31 7.33 -11.63
CA LEU A 265 2.48 5.89 -11.64
C LEU A 265 3.48 5.42 -12.69
N GLN A 266 3.58 6.12 -13.82
CA GLN A 266 4.60 5.72 -14.79
C GLN A 266 5.99 5.95 -14.23
N GLU A 267 6.21 7.11 -13.60
CA GLU A 267 7.46 7.36 -12.91
C GLU A 267 7.81 6.20 -12.00
N ILE A 268 6.83 5.76 -11.21
CA ILE A 268 7.12 4.76 -10.19
C ILE A 268 7.46 3.41 -10.82
N TYR A 269 6.72 3.02 -11.86
CA TYR A 269 6.94 1.70 -12.45
C TYR A 269 8.12 1.66 -13.42
N ARG A 270 8.49 2.78 -14.03
CA ARG A 270 9.56 2.80 -15.01
C ARG A 270 10.87 2.27 -14.41
N ASP A 271 11.39 1.19 -15.01
CA ASP A 271 12.62 0.57 -14.57
C ASP A 271 12.48 -0.14 -13.23
N MET A 272 11.27 -0.45 -12.78
CA MET A 272 11.22 -0.98 -11.42
C MET A 272 11.82 -2.39 -11.33
N TYR A 273 11.19 -3.38 -11.95
CA TYR A 273 11.76 -4.70 -11.73
C TYR A 273 11.89 -5.44 -13.04
N ARG B 4 14.24 12.53 -13.38
CA ARG B 4 13.66 11.28 -13.87
C ARG B 4 12.39 10.84 -13.10
N HIS B 5 12.22 11.35 -11.89
CA HIS B 5 11.02 11.11 -11.08
C HIS B 5 10.44 12.49 -10.72
N LYS B 6 9.97 13.20 -11.75
CA LYS B 6 9.72 14.63 -11.61
C LYS B 6 8.66 14.90 -10.55
N ILE B 7 7.53 14.19 -10.62
CA ILE B 7 6.40 14.50 -9.75
C ILE B 7 6.77 14.17 -8.31
N LEU B 8 7.30 12.98 -8.11
CA LEU B 8 7.69 12.51 -6.78
C LEU B 8 8.73 13.41 -6.14
N HIS B 9 9.67 13.91 -6.95
CA HIS B 9 10.65 14.86 -6.47
C HIS B 9 9.96 16.16 -6.05
N ARG B 10 8.94 16.56 -6.81
CA ARG B 10 8.15 17.72 -6.44
C ARG B 10 7.45 17.50 -5.12
N LEU B 11 6.76 16.36 -4.99
CA LEU B 11 6.09 16.05 -3.73
C LEU B 11 7.05 16.12 -2.57
N LEU B 12 8.25 15.56 -2.73
CA LEU B 12 9.20 15.45 -1.61
C LEU B 12 9.69 16.81 -1.13
N GLN B 13 9.84 17.78 -2.03
CA GLN B 13 10.36 19.06 -1.62
C GLN B 13 9.29 19.99 -1.03
N GLU B 14 8.00 19.69 -1.20
CA GLU B 14 6.97 20.45 -0.49
C GLU B 14 6.86 20.06 1.00
#